data_7FCN
#
_entry.id   7FCN
#
_cell.length_a   118.775
_cell.length_b   118.775
_cell.length_c   53.873
_cell.angle_alpha   90.000
_cell.angle_beta   90.000
_cell.angle_gamma   90.000
#
_symmetry.space_group_name_H-M   'P 41 2 2'
#
loop_
_entity.id
_entity.type
_entity.pdbx_description
1 polymer 'Insecticidal protein'
2 non-polymer 1-(2-METHOXY-ETHOXY)-2-{2-[2-(2-METHOXY-ETHOXY]-ETHOXY}-ETHANE
3 non-polymer 'SODIUM ION'
4 non-polymer 1,2-ETHANEDIOL
5 non-polymer DI(HYDROXYETHYL)ETHER
6 non-polymer 'TETRAETHYLENE GLYCOL'
7 water water
#
_entity_poly.entity_id   1
_entity_poly.type   'polypeptide(L)'
_entity_poly.pdbx_seq_one_letter_code
;SVYSNSPVPVYKDLNAVGPLSELTISPHASVEVFRIDTPIIPESRKSLRVVNTGLANSVTAKFYWSHSFTSEWFESGSID
VGLGEDKVLNVPSNSFYYSKFVIYNNTDKVAYVTANLV
;
_entity_poly.pdbx_strand_id   A,B,C,D
#
loop_
_chem_comp.id
_chem_comp.type
_chem_comp.name
_chem_comp.formula
EDO non-polymer 1,2-ETHANEDIOL 'C2 H6 O2'
NA non-polymer 'SODIUM ION' 'Na 1'
PEG non-polymer DI(HYDROXYETHYL)ETHER 'C4 H10 O3'
PG4 non-polymer 'TETRAETHYLENE GLYCOL' 'C8 H18 O5'
PG6 non-polymer 1-(2-METHOXY-ETHOXY)-2-{2-[2-(2-METHOXY-ETHOXY]-ETHOXY}-ETHANE 'C12 H26 O6'
#
# COMPACT_ATOMS: atom_id res chain seq x y z
N PRO A 19 -20.17 -6.81 -0.77
CA PRO A 19 -21.03 -7.47 -1.76
C PRO A 19 -20.23 -8.40 -2.63
N LEU A 20 -20.72 -9.62 -2.91
CA LEU A 20 -20.00 -10.57 -3.76
C LEU A 20 -20.96 -11.18 -4.77
N SER A 21 -20.42 -11.52 -5.93
CA SER A 21 -21.21 -12.10 -7.02
C SER A 21 -20.40 -13.18 -7.72
N GLU A 22 -21.00 -14.36 -7.89
CA GLU A 22 -20.47 -15.40 -8.76
C GLU A 22 -21.06 -15.20 -10.16
N LEU A 23 -20.19 -14.96 -11.14
CA LEU A 23 -20.63 -14.54 -12.46
C LEU A 23 -20.19 -15.53 -13.51
N THR A 24 -21.11 -15.82 -14.44
CA THR A 24 -20.80 -16.50 -15.69
C THR A 24 -20.77 -15.45 -16.79
N ILE A 25 -19.64 -15.32 -17.48
CA ILE A 25 -19.51 -14.37 -18.57
C ILE A 25 -19.35 -15.16 -19.85
N SER A 26 -20.36 -15.06 -20.71
CA SER A 26 -20.41 -15.80 -21.95
C SER A 26 -19.29 -15.36 -22.90
N PRO A 27 -18.95 -16.20 -23.88
CA PRO A 27 -17.91 -15.83 -24.86
C PRO A 27 -18.28 -14.54 -25.59
N HIS A 28 -17.26 -13.71 -25.84
CA HIS A 28 -17.44 -12.46 -26.59
C HIS A 28 -18.59 -11.63 -26.00
N ALA A 29 -18.63 -11.52 -24.68
CA ALA A 29 -19.71 -10.82 -24.01
C ALA A 29 -19.15 -10.06 -22.82
N SER A 30 -19.97 -9.17 -22.30
CA SER A 30 -19.63 -8.40 -21.12
C SER A 30 -20.76 -8.53 -20.11
N VAL A 31 -20.44 -8.23 -18.85
N VAL A 31 -20.43 -8.30 -18.85
CA VAL A 31 -21.43 -8.22 -17.76
CA VAL A 31 -21.43 -8.17 -17.80
C VAL A 31 -21.22 -6.98 -16.92
C VAL A 31 -21.22 -6.84 -17.09
N GLU A 32 -22.31 -6.25 -16.63
CA GLU A 32 -22.26 -5.04 -15.83
C GLU A 32 -22.60 -5.43 -14.39
N VAL A 33 -21.81 -4.95 -13.45
CA VAL A 33 -21.99 -5.33 -12.05
C VAL A 33 -21.79 -4.11 -11.15
N PHE A 34 -22.49 -4.15 -10.02
CA PHE A 34 -22.32 -3.20 -8.91
C PHE A 34 -22.51 -1.76 -9.35
N ARG A 35 -23.60 -1.49 -10.05
CA ARG A 35 -23.97 -0.09 -10.25
C ARG A 35 -24.42 0.51 -8.92
N ILE A 36 -23.92 1.71 -8.63
CA ILE A 36 -24.21 2.40 -7.38
C ILE A 36 -24.56 3.84 -7.74
N ASP A 37 -25.74 4.29 -7.32
CA ASP A 37 -26.23 5.63 -7.57
C ASP A 37 -26.23 6.41 -6.27
N THR A 38 -25.50 7.53 -6.24
CA THR A 38 -25.56 8.49 -5.13
C THR A 38 -25.77 9.85 -5.77
N PRO A 39 -27.00 10.15 -6.20
CA PRO A 39 -27.21 11.29 -7.12
C PRO A 39 -27.22 12.67 -6.49
N ILE A 40 -27.35 12.80 -5.18
CA ILE A 40 -27.42 14.11 -4.55
C ILE A 40 -26.09 14.50 -3.93
N ILE A 41 -25.54 13.63 -3.10
CA ILE A 41 -24.22 13.80 -2.50
C ILE A 41 -23.29 12.72 -3.07
N PRO A 42 -22.30 13.10 -3.86
CA PRO A 42 -21.40 12.09 -4.42
C PRO A 42 -20.51 11.51 -3.33
N GLU A 43 -20.02 10.31 -3.59
CA GLU A 43 -19.24 9.55 -2.62
C GLU A 43 -18.12 8.82 -3.35
N SER A 44 -16.99 8.66 -2.67
CA SER A 44 -15.99 7.74 -3.22
C SER A 44 -16.56 6.32 -3.25
N ARG A 45 -15.94 5.48 -4.07
CA ARG A 45 -16.45 4.15 -4.36
C ARG A 45 -15.47 3.09 -3.88
N LYS A 46 -16.01 1.88 -3.63
CA LYS A 46 -15.18 0.74 -3.29
C LYS A 46 -14.52 0.18 -4.56
N SER A 47 -13.38 -0.47 -4.36
CA SER A 47 -12.68 -1.16 -5.44
C SER A 47 -13.30 -2.53 -5.68
N LEU A 48 -12.92 -3.17 -6.81
CA LEU A 48 -13.51 -4.42 -7.25
C LEU A 48 -12.44 -5.52 -7.27
N ARG A 49 -12.61 -6.55 -6.44
CA ARG A 49 -11.75 -7.73 -6.50
C ARG A 49 -12.36 -8.73 -7.49
N VAL A 50 -11.55 -9.14 -8.46
CA VAL A 50 -11.98 -10.03 -9.54
C VAL A 50 -11.09 -11.26 -9.51
N VAL A 51 -11.71 -12.45 -9.50
CA VAL A 51 -10.99 -13.71 -9.60
C VAL A 51 -11.46 -14.39 -10.88
N ASN A 52 -10.53 -14.68 -11.79
CA ASN A 52 -10.85 -15.40 -13.01
C ASN A 52 -10.44 -16.85 -12.83
N THR A 53 -11.42 -17.75 -12.77
CA THR A 53 -11.12 -19.15 -12.56
C THR A 53 -11.02 -19.95 -13.85
N GLY A 54 -11.09 -19.29 -15.01
CA GLY A 54 -11.23 -19.98 -16.28
C GLY A 54 -12.69 -20.02 -16.70
N LEU A 55 -12.94 -20.55 -17.91
CA LEU A 55 -11.91 -21.11 -18.79
C LEU A 55 -11.25 -20.04 -19.66
N ALA A 56 -11.91 -18.90 -19.80
CA ALA A 56 -11.36 -17.78 -20.57
C ALA A 56 -9.95 -17.45 -20.09
N ASN A 57 -9.03 -17.26 -21.04
CA ASN A 57 -7.64 -17.01 -20.66
C ASN A 57 -7.49 -15.68 -19.95
N SER A 58 -8.39 -14.74 -20.18
CA SER A 58 -8.35 -13.44 -19.53
C SER A 58 -9.71 -12.78 -19.61
N VAL A 59 -10.01 -11.93 -18.63
CA VAL A 59 -11.12 -10.99 -18.71
C VAL A 59 -10.55 -9.62 -18.37
N THR A 60 -11.24 -8.57 -18.83
CA THR A 60 -10.84 -7.19 -18.55
C THR A 60 -11.95 -6.55 -17.74
N ALA A 61 -11.62 -6.02 -16.56
CA ALA A 61 -12.58 -5.31 -15.75
C ALA A 61 -12.33 -3.81 -15.84
N LYS A 62 -13.40 -3.02 -16.00
CA LYS A 62 -13.28 -1.57 -16.12
C LYS A 62 -14.26 -0.88 -15.18
N PHE A 63 -13.86 0.30 -14.70
CA PHE A 63 -14.70 1.17 -13.89
C PHE A 63 -15.30 2.26 -14.75
N TYR A 64 -16.60 2.48 -14.60
CA TYR A 64 -17.32 3.50 -15.34
C TYR A 64 -18.04 4.40 -14.36
N TRP A 65 -18.19 5.67 -14.74
CA TRP A 65 -18.92 6.63 -13.91
C TRP A 65 -19.71 7.55 -14.82
N SER A 66 -20.68 8.23 -14.23
CA SER A 66 -21.46 9.20 -14.99
C SER A 66 -21.98 10.30 -14.06
N HIS A 67 -22.78 11.20 -14.63
CA HIS A 67 -23.40 12.27 -13.86
C HIS A 67 -24.75 12.62 -14.49
N SER A 68 -25.50 13.46 -13.80
CA SER A 68 -26.92 13.59 -14.09
C SER A 68 -27.24 14.20 -15.45
N PHE A 69 -26.33 14.94 -16.08
CA PHE A 69 -26.74 15.62 -17.30
C PHE A 69 -25.97 15.16 -18.54
N THR A 70 -25.78 13.86 -18.66
CA THR A 70 -25.18 13.28 -19.86
C THR A 70 -25.84 11.95 -20.16
N SER A 71 -25.67 11.51 -21.41
CA SER A 71 -26.12 10.18 -21.85
C SER A 71 -25.00 9.17 -21.85
N GLU A 72 -23.79 9.57 -21.46
CA GLU A 72 -22.60 8.75 -21.56
C GLU A 72 -22.16 8.27 -20.18
N TRP A 73 -21.53 7.10 -20.16
CA TRP A 73 -20.69 6.66 -19.05
C TRP A 73 -19.25 6.79 -19.49
N PHE A 74 -18.37 7.12 -18.55
CA PHE A 74 -16.97 7.39 -18.86
C PHE A 74 -16.09 6.32 -18.25
N GLU A 75 -15.13 5.82 -19.02
CA GLU A 75 -14.21 4.80 -18.52
C GLU A 75 -13.11 5.49 -17.72
N SER A 76 -12.81 4.95 -16.53
CA SER A 76 -11.68 5.48 -15.77
C SER A 76 -11.08 4.31 -15.02
N GLY A 77 -10.26 3.54 -15.72
CA GLY A 77 -9.49 2.48 -15.08
C GLY A 77 -9.83 1.09 -15.57
N SER A 78 -8.81 0.26 -15.71
CA SER A 78 -8.97 -1.05 -16.32
C SER A 78 -7.88 -1.98 -15.81
N ILE A 79 -8.21 -3.27 -15.68
CA ILE A 79 -7.20 -4.30 -15.39
C ILE A 79 -7.55 -5.54 -16.19
N ASP A 80 -6.54 -6.31 -16.54
CA ASP A 80 -6.74 -7.63 -17.11
C ASP A 80 -6.51 -8.68 -16.04
N VAL A 81 -7.36 -9.71 -16.02
CA VAL A 81 -7.28 -10.75 -15.01
C VAL A 81 -7.16 -12.08 -15.74
N GLY A 82 -5.97 -12.69 -15.70
CA GLY A 82 -5.75 -13.95 -16.37
C GLY A 82 -6.37 -15.12 -15.64
N LEU A 83 -6.43 -16.26 -16.35
CA LEU A 83 -6.89 -17.50 -15.74
C LEU A 83 -6.05 -17.80 -14.50
N GLY A 84 -6.73 -17.98 -13.37
CA GLY A 84 -6.06 -18.27 -12.12
C GLY A 84 -5.62 -17.05 -11.34
N GLU A 85 -5.91 -15.85 -11.82
CA GLU A 85 -5.47 -14.63 -11.16
C GLU A 85 -6.57 -14.03 -10.30
N ASP A 86 -6.13 -13.38 -9.23
CA ASP A 86 -6.99 -12.78 -8.22
C ASP A 86 -6.46 -11.36 -8.07
N LYS A 87 -7.20 -10.38 -8.60
CA LYS A 87 -6.67 -9.03 -8.71
C LYS A 87 -7.74 -8.03 -8.30
N VAL A 88 -7.31 -6.87 -7.79
CA VAL A 88 -8.22 -5.79 -7.47
C VAL A 88 -8.13 -4.70 -8.52
N LEU A 89 -9.27 -4.32 -9.08
CA LEU A 89 -9.37 -3.14 -9.93
C LEU A 89 -9.53 -1.93 -9.03
N ASN A 90 -8.52 -1.06 -9.00
CA ASN A 90 -8.59 0.15 -8.21
C ASN A 90 -9.57 1.12 -8.84
N VAL A 91 -10.12 2.01 -8.02
CA VAL A 91 -11.03 3.05 -8.50
C VAL A 91 -10.49 4.41 -8.12
N PRO A 92 -10.99 5.50 -8.69
CA PRO A 92 -10.39 6.81 -8.44
C PRO A 92 -10.65 7.29 -7.02
N SER A 93 -9.82 8.25 -6.61
CA SER A 93 -9.98 8.89 -5.31
C SER A 93 -11.17 9.84 -5.32
N ASN A 94 -11.66 10.18 -6.50
CA ASN A 94 -12.75 11.13 -6.70
C ASN A 94 -14.08 10.61 -6.15
N SER A 95 -14.93 11.54 -5.76
N SER A 95 -14.94 11.54 -5.76
CA SER A 95 -16.33 11.23 -5.47
CA SER A 95 -16.32 11.22 -5.45
C SER A 95 -17.13 11.18 -6.76
C SER A 95 -17.16 11.21 -6.73
N PHE A 96 -18.16 10.32 -6.76
CA PHE A 96 -18.97 10.10 -7.95
C PHE A 96 -20.46 10.10 -7.63
N TYR A 97 -21.24 10.56 -8.63
CA TYR A 97 -22.70 10.49 -8.55
C TYR A 97 -23.23 9.12 -8.99
N TYR A 98 -22.63 8.53 -10.02
CA TYR A 98 -23.05 7.25 -10.59
C TYR A 98 -21.80 6.48 -10.96
N SER A 99 -21.80 5.19 -10.67
CA SER A 99 -20.67 4.33 -11.03
C SER A 99 -21.17 2.93 -11.30
N LYS A 100 -20.36 2.17 -12.04
CA LYS A 100 -20.62 0.75 -12.25
C LYS A 100 -19.33 0.13 -12.79
N PHE A 101 -19.29 -1.20 -12.80
CA PHE A 101 -18.18 -1.92 -13.41
C PHE A 101 -18.69 -2.72 -14.59
N VAL A 102 -17.83 -2.89 -15.60
CA VAL A 102 -18.13 -3.79 -16.71
C VAL A 102 -16.95 -4.74 -16.82
N ILE A 103 -17.24 -6.04 -16.88
CA ILE A 103 -16.22 -7.07 -17.05
C ILE A 103 -16.41 -7.68 -18.43
N TYR A 104 -15.34 -7.66 -19.23
CA TYR A 104 -15.37 -8.08 -20.63
C TYR A 104 -14.67 -9.42 -20.79
N ASN A 105 -15.34 -10.34 -21.48
CA ASN A 105 -14.74 -11.60 -21.88
C ASN A 105 -14.55 -11.53 -23.39
N ASN A 106 -13.34 -11.14 -23.80
CA ASN A 106 -13.03 -11.03 -25.23
C ASN A 106 -12.47 -12.33 -25.79
N THR A 107 -13.00 -13.48 -25.34
CA THR A 107 -12.49 -14.78 -25.77
C THR A 107 -13.67 -15.67 -26.20
N ASP A 108 -13.34 -16.83 -26.75
CA ASP A 108 -14.34 -17.80 -27.17
C ASP A 108 -14.67 -18.81 -26.08
N LYS A 109 -14.15 -18.64 -24.86
CA LYS A 109 -14.43 -19.56 -23.77
C LYS A 109 -15.19 -18.85 -22.68
N VAL A 110 -16.12 -19.58 -22.04
CA VAL A 110 -16.86 -19.03 -20.90
C VAL A 110 -15.90 -18.65 -19.77
N ALA A 111 -16.18 -17.52 -19.11
CA ALA A 111 -15.42 -17.10 -17.94
C ALA A 111 -16.30 -17.26 -16.70
N TYR A 112 -15.83 -18.06 -15.75
CA TYR A 112 -16.46 -18.15 -14.43
C TYR A 112 -15.64 -17.29 -13.48
N VAL A 113 -16.19 -16.15 -13.08
CA VAL A 113 -15.44 -15.20 -12.29
C VAL A 113 -16.19 -14.93 -11.00
N THR A 114 -15.45 -14.49 -9.99
CA THR A 114 -16.07 -13.91 -8.81
C THR A 114 -15.74 -12.43 -8.78
N ALA A 115 -16.69 -11.65 -8.31
CA ALA A 115 -16.52 -10.20 -8.25
C ALA A 115 -17.10 -9.72 -6.94
N ASN A 116 -16.31 -8.97 -6.18
CA ASN A 116 -16.81 -8.44 -4.94
C ASN A 116 -16.17 -7.08 -4.65
N LEU A 117 -16.92 -6.24 -3.98
CA LEU A 117 -16.45 -4.90 -3.63
C LEU A 117 -15.55 -4.99 -2.40
N VAL A 118 -14.43 -4.24 -2.43
CA VAL A 118 -13.43 -4.26 -1.36
C VAL A 118 -12.98 -2.84 -0.99
N PRO B 19 10.30 -6.84 -2.44
CA PRO B 19 11.14 -6.62 -1.26
C PRO B 19 10.31 -6.17 -0.07
N LEU B 20 10.38 -6.90 1.03
CA LEU B 20 9.60 -6.60 2.22
C LEU B 20 10.39 -5.67 3.13
N SER B 21 9.82 -4.50 3.41
CA SER B 21 10.32 -3.69 4.50
C SER B 21 9.90 -4.35 5.80
N GLU B 22 10.86 -4.63 6.68
CA GLU B 22 10.58 -5.19 7.99
C GLU B 22 10.67 -4.04 8.99
N LEU B 23 9.53 -3.65 9.53
CA LEU B 23 9.42 -2.44 10.32
C LEU B 23 9.19 -2.76 11.78
N THR B 24 9.83 -1.98 12.63
CA THR B 24 9.57 -1.94 14.06
C THR B 24 8.98 -0.56 14.33
N ILE B 25 7.67 -0.50 14.56
CA ILE B 25 6.98 0.76 14.78
C ILE B 25 6.71 0.87 16.27
N SER B 26 7.35 1.86 16.90
CA SER B 26 7.27 1.96 18.34
C SER B 26 5.88 2.45 18.77
N PRO B 27 5.54 2.24 20.04
CA PRO B 27 4.26 2.72 20.56
C PRO B 27 3.99 4.19 20.26
N HIS B 28 2.73 4.50 19.92
CA HIS B 28 2.27 5.88 19.71
C HIS B 28 3.17 6.61 18.71
N ALA B 29 3.53 5.91 17.64
CA ALA B 29 4.41 6.45 16.64
C ALA B 29 3.96 5.98 15.26
N SER B 30 4.58 6.54 14.23
CA SER B 30 4.21 6.23 12.86
C SER B 30 5.46 6.28 11.99
N VAL B 31 5.45 5.55 10.87
CA VAL B 31 6.58 5.48 9.96
C VAL B 31 6.10 5.67 8.54
N GLU B 32 6.86 6.44 7.76
CA GLU B 32 6.59 6.62 6.35
C GLU B 32 7.36 5.58 5.54
N VAL B 33 6.70 5.02 4.52
CA VAL B 33 7.31 4.02 3.64
C VAL B 33 6.92 4.25 2.19
N PHE B 34 7.82 3.82 1.30
CA PHE B 34 7.58 3.77 -0.14
C PHE B 34 7.12 5.11 -0.70
N ARG B 35 7.91 6.15 -0.42
CA ARG B 35 7.72 7.41 -1.12
C ARG B 35 8.17 7.24 -2.58
N ILE B 36 7.32 7.63 -3.50
CA ILE B 36 7.58 7.44 -4.93
C ILE B 36 7.28 8.77 -5.62
N ASP B 37 8.27 9.30 -6.35
CA ASP B 37 8.18 10.59 -7.01
C ASP B 37 8.24 10.38 -8.52
N THR B 38 7.20 10.83 -9.22
CA THR B 38 7.18 10.83 -10.68
C THR B 38 6.69 12.20 -11.14
N PRO B 39 7.57 13.19 -11.14
CA PRO B 39 7.15 14.57 -11.41
C PRO B 39 6.76 14.80 -12.86
N ILE B 40 5.88 15.80 -13.04
CA ILE B 40 5.44 16.35 -14.33
C ILE B 40 4.54 15.42 -15.12
N ILE B 41 4.96 14.17 -15.31
CA ILE B 41 4.12 13.18 -15.97
C ILE B 41 3.72 12.17 -14.90
N PRO B 42 2.48 12.22 -14.40
CA PRO B 42 2.11 11.36 -13.29
C PRO B 42 1.93 9.93 -13.76
N GLU B 43 1.97 9.01 -12.80
CA GLU B 43 1.94 7.57 -13.08
C GLU B 43 1.10 6.85 -12.04
N SER B 44 0.59 5.68 -12.43
CA SER B 44 -0.11 4.83 -11.47
C SER B 44 0.84 4.42 -10.34
N ARG B 45 0.25 3.96 -9.24
CA ARG B 45 0.99 3.54 -8.06
C ARG B 45 0.60 2.11 -7.67
N LYS B 46 1.58 1.38 -7.13
CA LYS B 46 1.30 0.07 -6.56
C LYS B 46 0.64 0.19 -5.18
N SER B 47 -0.08 -0.87 -4.83
CA SER B 47 -0.78 -0.97 -3.55
C SER B 47 0.18 -1.53 -2.50
N LEU B 48 -0.25 -1.51 -1.24
CA LEU B 48 0.63 -1.87 -0.12
C LEU B 48 0.06 -3.05 0.65
N ARG B 49 0.84 -4.13 0.73
CA ARG B 49 0.51 -5.27 1.59
C ARG B 49 1.15 -5.07 2.95
N VAL B 50 0.33 -5.15 4.00
CA VAL B 50 0.75 -4.92 5.38
C VAL B 50 0.42 -6.16 6.20
N VAL B 51 1.43 -6.69 6.90
CA VAL B 51 1.23 -7.83 7.78
C VAL B 51 1.62 -7.36 9.18
N ASN B 52 0.69 -7.45 10.12
CA ASN B 52 0.95 -7.14 11.52
C ASN B 52 1.15 -8.43 12.30
N THR B 53 2.37 -8.66 12.80
CA THR B 53 2.61 -9.89 13.55
C THR B 53 2.40 -9.71 15.05
N GLY B 54 2.06 -8.51 15.50
CA GLY B 54 2.09 -8.13 16.90
C GLY B 54 3.30 -7.24 17.16
N LEU B 55 3.48 -6.83 18.42
CA LEU B 55 2.60 -7.12 19.56
C LEU B 55 1.38 -6.18 19.60
N ALA B 56 1.48 -5.07 18.88
CA ALA B 56 0.39 -4.11 18.82
C ALA B 56 -0.89 -4.77 18.33
N ASN B 57 -2.02 -4.43 18.95
CA ASN B 57 -3.27 -5.07 18.57
C ASN B 57 -3.72 -4.69 17.17
N SER B 58 -3.30 -3.52 16.68
CA SER B 58 -3.68 -3.05 15.36
C SER B 58 -2.71 -1.95 14.94
N VAL B 59 -2.48 -1.84 13.63
CA VAL B 59 -1.86 -0.65 13.06
C VAL B 59 -2.77 -0.15 11.95
N THR B 60 -2.64 1.12 11.60
CA THR B 60 -3.40 1.69 10.49
C THR B 60 -2.45 2.18 9.41
N ALA B 61 -2.68 1.74 8.18
CA ALA B 61 -1.88 2.17 7.03
C ALA B 61 -2.70 3.13 6.19
N LYS B 62 -2.09 4.25 5.78
CA LYS B 62 -2.77 5.22 4.92
C LYS B 62 -1.92 5.54 3.71
N PHE B 63 -2.60 5.88 2.61
CA PHE B 63 -1.95 6.30 1.38
C PHE B 63 -2.10 7.81 1.24
N TYR B 64 -1.00 8.48 0.93
CA TYR B 64 -0.94 9.93 0.80
C TYR B 64 -0.37 10.33 -0.55
N TRP B 65 -0.81 11.47 -1.07
CA TRP B 65 -0.27 11.96 -2.33
C TRP B 65 -0.19 13.48 -2.32
N SER B 66 0.60 14.02 -3.23
CA SER B 66 0.79 15.46 -3.26
C SER B 66 1.21 15.90 -4.65
N HIS B 67 1.53 17.18 -4.77
CA HIS B 67 2.00 17.75 -6.03
C HIS B 67 2.93 18.91 -5.67
N SER B 68 3.66 19.40 -6.67
CA SER B 68 4.80 20.25 -6.39
C SER B 68 4.41 21.66 -6.00
N PHE B 69 3.14 22.06 -6.15
CA PHE B 69 2.72 23.41 -5.78
C PHE B 69 1.94 23.44 -4.47
N THR B 70 2.04 22.38 -3.66
CA THR B 70 1.54 22.42 -2.29
C THR B 70 2.51 21.67 -1.39
N SER B 71 2.55 22.09 -0.12
CA SER B 71 3.25 21.31 0.89
C SER B 71 2.35 20.26 1.54
N GLU B 72 1.04 20.33 1.29
CA GLU B 72 0.10 19.40 1.88
C GLU B 72 0.11 18.03 1.21
N TRP B 73 -0.01 16.98 2.01
CA TRP B 73 -0.26 15.63 1.51
C TRP B 73 -1.72 15.27 1.80
N PHE B 74 -2.38 14.65 0.83
CA PHE B 74 -3.79 14.30 0.91
C PHE B 74 -3.95 12.80 1.08
N GLU B 75 -4.86 12.39 1.97
CA GLU B 75 -5.11 10.99 2.24
CA GLU B 75 -5.11 10.98 2.24
C GLU B 75 -6.18 10.42 1.30
N SER B 76 -5.88 9.28 0.66
CA SER B 76 -6.84 8.60 -0.21
C SER B 76 -6.71 7.09 -0.04
N GLY B 77 -7.09 6.59 1.13
CA GLY B 77 -7.07 5.17 1.40
C GLY B 77 -6.53 4.85 2.78
N SER B 78 -7.22 3.98 3.51
CA SER B 78 -6.81 3.64 4.87
C SER B 78 -7.29 2.23 5.17
N ILE B 79 -6.44 1.44 5.84
CA ILE B 79 -6.84 0.12 6.30
C ILE B 79 -6.35 -0.05 7.72
N ASP B 80 -7.09 -0.81 8.51
CA ASP B 80 -6.64 -1.24 9.82
C ASP B 80 -6.20 -2.69 9.74
N VAL B 81 -5.04 -3.00 10.32
CA VAL B 81 -4.46 -4.35 10.23
C VAL B 81 -4.25 -4.84 11.66
N GLY B 82 -5.11 -5.77 12.10
CA GLY B 82 -5.03 -6.31 13.43
C GLY B 82 -3.91 -7.32 13.58
N LEU B 83 -3.59 -7.64 14.83
CA LEU B 83 -2.58 -8.65 15.11
C LEU B 83 -2.92 -9.95 14.37
N GLY B 84 -1.96 -10.42 13.58
CA GLY B 84 -2.13 -11.63 12.82
C GLY B 84 -2.77 -11.45 11.46
N GLU B 85 -3.13 -10.23 11.09
CA GLU B 85 -3.79 -9.99 9.82
C GLU B 85 -2.79 -9.64 8.72
N ASP B 86 -3.20 -9.89 7.49
CA ASP B 86 -2.40 -9.73 6.28
C ASP B 86 -3.34 -9.10 5.27
N LYS B 87 -3.19 -7.79 5.02
CA LYS B 87 -4.17 -7.04 4.24
C LYS B 87 -3.49 -6.13 3.23
N VAL B 88 -4.21 -5.83 2.15
CA VAL B 88 -3.71 -4.92 1.12
C VAL B 88 -4.48 -3.60 1.19
N LEU B 89 -3.74 -2.51 1.23
CA LEU B 89 -4.30 -1.16 1.08
C LEU B 89 -4.35 -0.91 -0.43
N ASN B 90 -5.54 -1.01 -1.01
CA ASN B 90 -5.71 -0.75 -2.45
C ASN B 90 -5.68 0.75 -2.68
N VAL B 91 -4.65 1.22 -3.39
CA VAL B 91 -4.49 2.66 -3.65
C VAL B 91 -5.46 3.07 -4.75
N PRO B 92 -5.76 4.37 -4.91
CA PRO B 92 -6.61 4.79 -6.02
C PRO B 92 -5.95 4.54 -7.37
N SER B 93 -6.78 4.52 -8.39
CA SER B 93 -6.35 4.31 -9.76
C SER B 93 -5.84 5.57 -10.44
N ASN B 94 -5.92 6.71 -9.78
CA ASN B 94 -5.42 7.95 -10.36
C ASN B 94 -3.93 7.84 -10.70
N SER B 95 -3.49 8.73 -11.59
CA SER B 95 -2.07 8.93 -11.81
C SER B 95 -1.57 9.97 -10.82
N PHE B 96 -0.44 9.69 -10.19
CA PHE B 96 0.06 10.52 -9.09
C PHE B 96 1.41 11.10 -9.43
N TYR B 97 1.69 12.27 -8.86
CA TYR B 97 2.99 12.90 -9.00
C TYR B 97 3.92 12.52 -7.85
N TYR B 98 3.42 12.62 -6.62
CA TYR B 98 4.16 12.24 -5.42
C TYR B 98 3.24 11.43 -4.54
N SER B 99 3.75 10.34 -3.97
CA SER B 99 2.94 9.51 -3.10
C SER B 99 3.81 8.88 -2.04
N LYS B 100 3.17 8.47 -0.94
CA LYS B 100 3.86 7.75 0.14
C LYS B 100 2.80 7.08 1.00
N PHE B 101 3.22 6.13 1.82
CA PHE B 101 2.34 5.52 2.82
C PHE B 101 2.83 5.92 4.21
N VAL B 102 1.89 6.02 5.16
CA VAL B 102 2.26 6.17 6.57
C VAL B 102 1.58 5.04 7.33
N ILE B 103 2.32 4.36 8.19
CA ILE B 103 1.76 3.29 9.02
C ILE B 103 1.77 3.79 10.46
N TYR B 104 0.60 3.83 11.08
CA TYR B 104 0.42 4.38 12.43
C TYR B 104 0.24 3.26 13.44
N ASN B 105 1.01 3.32 14.52
CA ASN B 105 0.79 2.46 15.69
C ASN B 105 0.17 3.32 16.78
N ASN B 106 -1.15 3.32 16.87
CA ASN B 106 -1.83 4.10 17.89
C ASN B 106 -2.01 3.30 19.16
N THR B 107 -1.03 2.46 19.52
CA THR B 107 -1.16 1.60 20.70
C THR B 107 0.07 1.76 21.58
N ASP B 108 0.01 1.11 22.73
CA ASP B 108 1.12 1.14 23.68
C ASP B 108 2.06 -0.04 23.54
N LYS B 109 1.95 -0.82 22.47
CA LYS B 109 2.82 -1.96 22.26
C LYS B 109 3.52 -1.80 20.91
N VAL B 110 4.77 -2.29 20.85
CA VAL B 110 5.54 -2.23 19.62
C VAL B 110 4.87 -3.08 18.54
N ALA B 111 4.93 -2.61 17.31
CA ALA B 111 4.35 -3.31 16.18
C ALA B 111 5.48 -3.80 15.28
N TYR B 112 5.55 -5.10 15.08
CA TYR B 112 6.51 -5.70 14.19
C TYR B 112 5.74 -6.05 12.92
N VAL B 113 5.94 -5.26 11.88
N VAL B 113 5.99 -5.29 11.85
CA VAL B 113 5.13 -5.37 10.68
CA VAL B 113 5.12 -5.24 10.68
C VAL B 113 6.03 -5.58 9.49
C VAL B 113 5.96 -5.38 9.42
N THR B 114 5.43 -6.07 8.41
CA THR B 114 6.06 -6.06 7.09
C THR B 114 5.20 -5.21 6.15
N ALA B 115 5.87 -4.53 5.22
CA ALA B 115 5.20 -3.77 4.20
C ALA B 115 5.89 -4.04 2.88
N ASN B 116 5.11 -4.32 1.85
CA ASN B 116 5.67 -4.44 0.51
C ASN B 116 4.67 -3.95 -0.52
N LEU B 117 5.18 -3.53 -1.66
CA LEU B 117 4.33 -3.10 -2.75
C LEU B 117 3.80 -4.31 -3.51
N VAL B 118 2.56 -4.22 -3.94
CA VAL B 118 1.96 -5.27 -4.76
C VAL B 118 1.27 -4.64 -5.98
N PRO C 19 -11.32 21.98 34.29
CA PRO C 19 -9.97 21.62 33.87
C PRO C 19 -9.91 21.44 32.37
N LEU C 20 -9.43 22.45 31.65
CA LEU C 20 -9.45 22.50 30.20
C LEU C 20 -8.05 22.78 29.68
N SER C 21 -7.68 22.09 28.60
CA SER C 21 -6.38 22.27 27.98
C SER C 21 -6.54 22.51 26.48
N GLU C 22 -5.92 23.57 25.98
CA GLU C 22 -5.78 23.78 24.54
C GLU C 22 -4.52 23.07 24.10
N LEU C 23 -4.67 22.15 23.15
CA LEU C 23 -3.56 21.34 22.68
C LEU C 23 -3.38 21.52 21.19
N THR C 24 -2.14 21.41 20.75
CA THR C 24 -1.79 21.40 19.34
C THR C 24 -1.19 20.04 19.02
N ILE C 25 -1.83 19.29 18.14
CA ILE C 25 -1.35 17.96 17.80
C ILE C 25 -0.71 18.03 16.42
N SER C 26 0.59 17.73 16.36
CA SER C 26 1.32 17.91 15.12
C SER C 26 0.87 16.87 14.11
N PRO C 27 1.15 17.10 12.82
CA PRO C 27 0.83 16.08 11.82
C PRO C 27 1.48 14.75 12.14
N HIS C 28 0.71 13.67 11.94
CA HIS C 28 1.19 12.30 12.16
C HIS C 28 1.77 12.13 13.55
N ALA C 29 1.16 12.78 14.54
CA ALA C 29 1.70 12.75 15.89
C ALA C 29 0.55 12.54 16.88
N SER C 30 0.86 12.70 18.16
CA SER C 30 -0.12 12.47 19.20
C SER C 30 0.21 13.39 20.37
N VAL C 31 -0.74 13.52 21.29
CA VAL C 31 -0.51 14.20 22.55
C VAL C 31 -1.12 13.36 23.65
N GLU C 32 -0.48 13.36 24.82
CA GLU C 32 -1.14 12.83 26.00
C GLU C 32 -1.65 13.97 26.87
N VAL C 33 -2.77 13.74 27.57
CA VAL C 33 -3.34 14.76 28.43
C VAL C 33 -4.01 14.11 29.64
N PHE C 34 -3.96 14.81 30.76
CA PHE C 34 -4.61 14.43 32.02
C PHE C 34 -4.17 13.04 32.45
N ARG C 35 -2.85 12.90 32.62
CA ARG C 35 -2.30 11.72 33.26
C ARG C 35 -2.46 11.84 34.76
N ILE C 36 -3.23 10.93 35.37
CA ILE C 36 -3.66 11.05 36.76
C ILE C 36 -3.28 9.79 37.51
N ASP C 37 -2.48 9.94 38.57
CA ASP C 37 -2.04 8.85 39.43
C ASP C 37 -2.77 8.94 40.76
N THR C 38 -3.46 7.87 41.15
CA THR C 38 -4.00 7.72 42.50
C THR C 38 -3.56 6.34 42.97
N PRO C 39 -2.29 6.21 43.39
CA PRO C 39 -1.72 4.86 43.55
C PRO C 39 -2.16 4.12 44.80
N ILE C 40 -2.67 4.81 45.82
CA ILE C 40 -2.96 4.15 47.09
C ILE C 40 -4.40 3.63 47.14
N ILE C 41 -5.35 4.44 46.70
CA ILE C 41 -6.76 4.04 46.64
C ILE C 41 -7.25 4.40 45.26
N PRO C 42 -7.79 3.47 44.49
CA PRO C 42 -8.26 3.81 43.15
C PRO C 42 -9.50 4.69 43.23
N GLU C 43 -9.62 5.59 42.27
CA GLU C 43 -10.65 6.60 42.29
C GLU C 43 -11.30 6.70 40.91
N SER C 44 -12.51 7.23 40.90
CA SER C 44 -13.18 7.48 39.64
C SER C 44 -12.35 8.44 38.78
N ARG C 45 -12.64 8.45 37.48
CA ARG C 45 -11.96 9.35 36.56
C ARG C 45 -13.01 10.07 35.74
N LYS C 46 -12.79 11.36 35.52
CA LYS C 46 -13.70 12.14 34.69
C LYS C 46 -13.52 11.80 33.22
N SER C 47 -14.59 11.99 32.46
CA SER C 47 -14.60 11.74 31.02
C SER C 47 -13.98 12.94 30.29
N LEU C 48 -13.73 12.76 28.99
CA LEU C 48 -12.97 13.75 28.22
C LEU C 48 -13.84 14.32 27.12
N ARG C 49 -14.08 15.63 27.17
CA ARG C 49 -14.72 16.34 26.07
C ARG C 49 -13.63 16.84 25.14
N VAL C 50 -13.73 16.48 23.86
CA VAL C 50 -12.75 16.84 22.84
C VAL C 50 -13.44 17.65 21.77
N VAL C 51 -12.91 18.84 21.48
CA VAL C 51 -13.38 19.65 20.36
C VAL C 51 -12.25 19.75 19.35
N ASN C 52 -12.48 19.28 18.13
CA ASN C 52 -11.51 19.38 17.05
C ASN C 52 -11.86 20.61 16.21
N THR C 53 -11.06 21.68 16.34
CA THR C 53 -11.37 22.89 15.60
C THR C 53 -10.77 22.90 14.21
N GLY C 54 -10.12 21.81 13.80
CA GLY C 54 -9.35 21.74 12.58
C GLY C 54 -7.88 21.98 12.89
N LEU C 55 -7.04 21.96 11.86
CA LEU C 55 -7.40 21.69 10.46
C LEU C 55 -7.51 20.21 10.14
N ALA C 56 -6.93 19.37 11.00
CA ALA C 56 -7.01 17.93 10.81
C ALA C 56 -8.45 17.49 10.63
N ASN C 57 -8.69 16.66 9.61
CA ASN C 57 -10.06 16.25 9.34
C ASN C 57 -10.62 15.37 10.43
N SER C 58 -9.76 14.72 11.23
CA SER C 58 -10.20 13.86 12.31
C SER C 58 -9.05 13.65 13.28
N VAL C 59 -9.39 13.46 14.55
CA VAL C 59 -8.44 12.95 15.54
C VAL C 59 -9.12 11.83 16.30
N THR C 60 -8.32 10.94 16.88
CA THR C 60 -8.85 9.83 17.67
C THR C 60 -8.36 9.97 19.09
N ALA C 61 -9.31 10.08 20.04
CA ALA C 61 -8.99 10.16 21.45
C ALA C 61 -9.19 8.79 22.10
N LYS C 62 -8.22 8.35 22.89
CA LYS C 62 -8.33 7.08 23.60
C LYS C 62 -8.13 7.27 25.09
N PHE C 63 -8.86 6.47 25.88
CA PHE C 63 -8.64 6.39 27.32
C PHE C 63 -7.74 5.22 27.62
N TYR C 64 -6.69 5.46 28.43
CA TYR C 64 -5.75 4.43 28.83
C TYR C 64 -5.71 4.32 30.35
N TRP C 65 -5.52 3.11 30.85
CA TRP C 65 -5.37 2.90 32.28
C TRP C 65 -4.21 1.96 32.54
N SER C 66 -3.74 1.93 33.78
CA SER C 66 -2.66 1.01 34.13
C SER C 66 -2.79 0.60 35.59
N HIS C 67 -1.85 -0.24 36.04
CA HIS C 67 -1.80 -0.71 37.41
C HIS C 67 -0.35 -0.84 37.83
N SER C 68 -0.13 -1.26 39.07
CA SER C 68 1.20 -1.17 39.67
C SER C 68 2.14 -2.30 39.26
N PHE C 69 1.70 -3.31 38.52
CA PHE C 69 2.54 -4.44 38.17
C PHE C 69 3.10 -4.37 36.75
N THR C 70 2.81 -3.30 36.01
CA THR C 70 3.25 -3.21 34.63
C THR C 70 3.51 -1.76 34.30
N SER C 71 4.36 -1.51 33.30
CA SER C 71 4.43 -0.19 32.72
C SER C 71 3.46 0.00 31.55
N GLU C 72 2.82 -1.07 31.08
CA GLU C 72 1.90 -0.98 29.95
C GLU C 72 0.65 -0.16 30.26
N TRP C 73 0.18 0.57 29.26
CA TRP C 73 -1.10 1.26 29.33
C TRP C 73 -2.11 0.49 28.48
N PHE C 74 -3.32 0.30 29.01
CA PHE C 74 -4.35 -0.49 28.35
C PHE C 74 -5.48 0.41 27.86
N GLU C 75 -5.89 0.18 26.62
CA GLU C 75 -6.94 1.01 26.03
C GLU C 75 -8.31 0.53 26.49
N SER C 76 -9.17 1.49 26.88
CA SER C 76 -10.52 1.17 27.25
C SER C 76 -11.44 2.34 26.87
N GLY C 77 -11.54 2.57 25.57
CA GLY C 77 -12.46 3.56 25.04
C GLY C 77 -11.80 4.40 23.98
N SER C 78 -12.50 4.65 22.88
CA SER C 78 -11.91 5.40 21.76
C SER C 78 -13.05 6.12 21.05
N ILE C 79 -12.81 7.37 20.64
CA ILE C 79 -13.74 8.13 19.83
C ILE C 79 -12.97 8.84 18.72
N ASP C 80 -13.63 9.00 17.58
CA ASP C 80 -13.09 9.80 16.49
C ASP C 80 -13.81 11.13 16.50
N VAL C 81 -13.06 12.22 16.40
CA VAL C 81 -13.62 13.57 16.45
C VAL C 81 -13.25 14.29 15.16
N GLY C 82 -14.23 14.46 14.28
CA GLY C 82 -14.00 15.14 13.01
C GLY C 82 -13.86 16.64 13.15
N LEU C 83 -13.54 17.27 12.03
CA LEU C 83 -13.33 18.71 12.06
C LEU C 83 -14.64 19.41 12.41
N GLY C 84 -14.57 20.31 13.38
CA GLY C 84 -15.73 21.01 13.88
C GLY C 84 -16.62 20.22 14.79
N GLU C 85 -16.21 19.03 15.22
CA GLU C 85 -17.01 18.19 16.08
C GLU C 85 -16.62 18.36 17.55
N ASP C 86 -17.58 18.03 18.40
CA ASP C 86 -17.50 18.23 19.85
C ASP C 86 -18.10 16.98 20.47
N LYS C 87 -17.27 16.13 21.06
CA LYS C 87 -17.70 14.81 21.49
C LYS C 87 -17.08 14.47 22.85
N VAL C 88 -17.79 13.64 23.61
CA VAL C 88 -17.29 13.19 24.91
C VAL C 88 -16.85 11.74 24.80
N LEU C 89 -15.62 11.48 25.22
CA LEU C 89 -15.12 10.12 25.40
C LEU C 89 -15.50 9.66 26.81
N ASN C 90 -16.46 8.75 26.90
CA ASN C 90 -17.00 8.30 28.19
C ASN C 90 -16.07 7.27 28.78
N VAL C 91 -15.44 7.61 29.90
N VAL C 91 -15.47 7.61 29.93
CA VAL C 91 -14.52 6.65 30.51
CA VAL C 91 -14.56 6.72 30.64
C VAL C 91 -15.35 5.59 31.24
C VAL C 91 -15.36 5.61 31.30
N PRO C 92 -14.85 4.37 31.32
CA PRO C 92 -15.62 3.28 31.95
C PRO C 92 -16.00 3.62 33.38
N SER C 93 -17.17 3.11 33.79
CA SER C 93 -17.70 3.30 35.14
C SER C 93 -17.00 2.31 36.07
N ASN C 94 -15.79 2.67 36.47
CA ASN C 94 -14.98 1.90 37.40
C ASN C 94 -13.99 2.89 38.04
N SER C 95 -13.19 2.39 38.97
CA SER C 95 -12.16 3.20 39.61
C SER C 95 -10.78 2.78 39.11
N PHE C 96 -9.82 3.70 39.21
CA PHE C 96 -8.53 3.50 38.56
C PHE C 96 -7.39 3.94 39.46
N TYR C 97 -6.26 3.26 39.31
CA TYR C 97 -5.02 3.67 39.95
C TYR C 97 -4.22 4.63 39.09
N TYR C 98 -4.17 4.39 37.78
CA TYR C 98 -3.42 5.21 36.84
C TYR C 98 -4.24 5.37 35.58
N SER C 99 -4.25 6.57 35.00
CA SER C 99 -5.01 6.80 33.78
C SER C 99 -4.39 7.95 33.00
N LYS C 100 -4.66 7.97 31.69
CA LYS C 100 -4.34 9.12 30.85
C LYS C 100 -5.16 9.03 29.57
N PHE C 101 -5.24 10.14 28.86
CA PHE C 101 -5.80 10.15 27.52
C PHE C 101 -4.68 10.39 26.52
N VAL C 102 -4.79 9.76 25.35
CA VAL C 102 -3.90 10.06 24.24
C VAL C 102 -4.77 10.40 23.05
N ILE C 103 -4.44 11.49 22.36
CA ILE C 103 -5.18 11.95 21.19
C ILE C 103 -4.25 11.87 19.99
N TYR C 104 -4.65 11.09 19.00
CA TYR C 104 -3.86 10.79 17.81
C TYR C 104 -4.33 11.63 16.63
N ASN C 105 -3.39 12.27 15.96
CA ASN C 105 -3.67 13.00 14.73
C ASN C 105 -3.00 12.23 13.59
N ASN C 106 -3.74 11.30 12.98
CA ASN C 106 -3.24 10.47 11.89
C ASN C 106 -3.42 11.17 10.55
N THR C 107 -3.16 12.47 10.49
CA THR C 107 -3.37 13.26 9.27
C THR C 107 -2.13 14.13 9.05
N ASP C 108 -2.10 14.77 7.88
CA ASP C 108 -1.00 15.64 7.49
C ASP C 108 -1.20 17.09 7.93
N LYS C 109 -2.29 17.39 8.62
CA LYS C 109 -2.61 18.76 9.01
C LYS C 109 -2.57 18.86 10.53
N VAL C 110 -2.17 20.03 11.04
CA VAL C 110 -2.15 20.24 12.48
C VAL C 110 -3.57 20.19 13.03
N ALA C 111 -3.72 19.66 14.24
CA ALA C 111 -5.01 19.65 14.92
C ALA C 111 -4.94 20.56 16.13
N TYR C 112 -5.75 21.61 16.12
CA TYR C 112 -5.92 22.48 17.28
C TYR C 112 -7.16 21.99 18.02
N VAL C 113 -6.95 21.37 19.17
CA VAL C 113 -8.05 20.75 19.91
C VAL C 113 -8.15 21.38 21.28
N THR C 114 -9.37 21.33 21.82
CA THR C 114 -9.55 21.57 23.24
C THR C 114 -9.92 20.27 23.90
N ALA C 115 -9.41 20.06 25.10
CA ALA C 115 -9.68 18.85 25.86
C ALA C 115 -10.00 19.29 27.28
N ASN C 116 -11.15 18.87 27.79
CA ASN C 116 -11.48 19.22 29.16
C ASN C 116 -12.17 18.04 29.83
N LEU C 117 -11.92 17.91 31.12
CA LEU C 117 -12.53 16.85 31.90
C LEU C 117 -13.97 17.23 32.28
N VAL C 118 -14.87 16.26 32.11
CA VAL C 118 -16.28 16.46 32.37
C VAL C 118 -16.79 15.33 33.24
N PRO D 19 23.84 -18.17 -5.33
CA PRO D 19 24.68 -16.98 -5.50
C PRO D 19 23.86 -15.69 -5.60
N LEU D 20 24.17 -14.78 -4.70
CA LEU D 20 23.47 -13.50 -4.58
C LEU D 20 24.50 -12.37 -4.59
N SER D 21 24.17 -11.30 -5.31
CA SER D 21 25.03 -10.13 -5.40
C SER D 21 24.22 -8.90 -5.03
N GLU D 22 24.77 -8.06 -4.14
CA GLU D 22 24.17 -6.79 -3.79
C GLU D 22 24.87 -5.72 -4.59
N LEU D 23 24.16 -5.09 -5.52
CA LEU D 23 24.74 -4.18 -6.48
C LEU D 23 24.26 -2.76 -6.25
N THR D 24 25.16 -1.81 -6.46
CA THR D 24 24.86 -0.39 -6.47
C THR D 24 25.07 0.09 -7.91
N ILE D 25 24.00 0.52 -8.55
CA ILE D 25 24.10 0.95 -9.95
C ILE D 25 24.05 2.46 -9.98
N SER D 26 25.11 3.06 -10.50
CA SER D 26 25.24 4.52 -10.48
C SER D 26 24.25 5.14 -11.46
N PRO D 27 24.01 6.46 -11.35
CA PRO D 27 23.09 7.11 -12.29
C PRO D 27 23.53 6.91 -13.73
N HIS D 28 22.55 6.63 -14.61
CA HIS D 28 22.78 6.53 -16.06
C HIS D 28 23.79 5.46 -16.43
N ALA D 29 23.92 4.42 -15.61
CA ALA D 29 25.00 3.47 -15.68
C ALA D 29 24.43 2.06 -15.75
N SER D 30 25.32 1.08 -15.83
CA SER D 30 24.93 -0.30 -15.87
C SER D 30 25.93 -1.11 -15.07
N VAL D 31 25.54 -2.31 -14.69
CA VAL D 31 26.45 -3.26 -14.05
C VAL D 31 26.27 -4.61 -14.71
N GLU D 32 27.36 -5.34 -14.84
CA GLU D 32 27.24 -6.73 -15.25
C GLU D 32 27.34 -7.64 -14.03
N VAL D 33 26.65 -8.78 -14.11
CA VAL D 33 26.63 -9.71 -12.98
C VAL D 33 26.53 -11.13 -13.53
N PHE D 34 27.16 -12.06 -12.80
CA PHE D 34 27.12 -13.50 -13.08
C PHE D 34 27.56 -13.80 -14.52
N ARG D 35 28.75 -13.34 -14.86
CA ARG D 35 29.35 -13.76 -16.12
C ARG D 35 29.89 -15.17 -15.95
N ILE D 36 29.42 -16.10 -16.77
CA ILE D 36 29.67 -17.54 -16.61
C ILE D 36 30.22 -18.10 -17.92
N ASP D 37 31.38 -18.74 -17.84
CA ASP D 37 32.06 -19.33 -18.99
C ASP D 37 31.99 -20.86 -18.88
N THR D 38 31.44 -21.50 -19.91
CA THR D 38 31.50 -22.96 -20.04
C THR D 38 31.93 -23.24 -21.47
N PRO D 39 33.21 -23.03 -21.77
N PRO D 39 33.24 -23.16 -21.75
CA PRO D 39 33.67 -23.12 -23.15
CA PRO D 39 33.69 -23.12 -23.15
C PRO D 39 33.81 -24.57 -23.61
C PRO D 39 33.62 -24.44 -23.91
N ILE D 40 33.77 -24.74 -24.92
N ILE D 40 33.67 -25.60 -23.25
CA ILE D 40 33.92 -26.02 -25.61
CA ILE D 40 33.76 -26.86 -23.96
C ILE D 40 32.74 -26.94 -25.28
C ILE D 40 32.43 -27.59 -24.04
N ILE D 41 32.43 -27.11 -24.01
N ILE D 41 31.87 -27.96 -22.90
CA ILE D 41 31.28 -27.89 -23.58
CA ILE D 41 30.53 -28.54 -22.87
C ILE D 41 30.26 -26.95 -22.95
C ILE D 41 29.57 -27.40 -22.54
N PRO D 42 29.09 -26.72 -23.57
N PRO D 42 28.86 -26.85 -23.53
CA PRO D 42 28.12 -25.77 -23.05
CA PRO D 42 27.91 -25.78 -23.22
C PRO D 42 27.12 -26.38 -22.07
C PRO D 42 26.84 -26.32 -22.28
N GLU D 43 26.48 -25.50 -21.29
CA GLU D 43 25.52 -25.91 -20.27
C GLU D 43 24.39 -24.91 -20.14
N SER D 44 23.27 -25.38 -19.60
CA SER D 44 22.16 -24.48 -19.30
C SER D 44 22.59 -23.46 -18.26
N ARG D 45 21.79 -22.40 -18.14
CA ARG D 45 22.07 -21.29 -17.25
C ARG D 45 20.88 -21.04 -16.35
N LYS D 46 21.16 -20.61 -15.12
CA LYS D 46 20.10 -20.24 -14.20
C LYS D 46 19.51 -18.89 -14.57
N SER D 47 18.25 -18.70 -14.18
CA SER D 47 17.55 -17.43 -14.35
C SER D 47 17.97 -16.47 -13.24
N LEU D 48 17.55 -15.21 -13.35
CA LEU D 48 17.99 -14.15 -12.46
C LEU D 48 16.80 -13.52 -11.75
N ARG D 49 16.81 -13.57 -10.42
CA ARG D 49 15.86 -12.83 -9.61
C ARG D 49 16.43 -11.45 -9.29
N VAL D 50 15.68 -10.40 -9.61
CA VAL D 50 16.13 -9.02 -9.47
C VAL D 50 15.17 -8.29 -8.55
N VAL D 51 15.73 -7.64 -7.53
CA VAL D 51 14.98 -6.85 -6.57
C VAL D 51 15.50 -5.42 -6.64
N ASN D 52 14.61 -4.47 -6.95
CA ASN D 52 14.98 -3.05 -7.00
C ASN D 52 14.43 -2.38 -5.74
N THR D 53 15.32 -1.92 -4.86
CA THR D 53 14.90 -1.29 -3.61
C THR D 53 14.89 0.23 -3.71
N GLY D 54 15.05 0.80 -4.91
CA GLY D 54 15.22 2.23 -5.07
C GLY D 54 16.68 2.63 -5.04
N LEU D 55 16.94 3.95 -5.15
CA LEU D 55 15.92 4.98 -5.33
C LEU D 55 15.45 5.12 -6.77
N ALA D 56 16.17 4.50 -7.69
CA ALA D 56 15.75 4.50 -9.10
C ALA D 56 14.35 3.93 -9.24
N ASN D 57 13.50 4.64 -9.99
CA ASN D 57 12.13 4.16 -10.15
C ASN D 57 12.05 2.87 -10.95
N SER D 58 13.05 2.56 -11.77
CA SER D 58 13.06 1.33 -12.55
C SER D 58 14.48 1.06 -13.00
N VAL D 59 14.80 -0.23 -13.09
CA VAL D 59 16.00 -0.72 -13.75
C VAL D 59 15.57 -1.77 -14.78
N THR D 60 16.43 -1.99 -15.77
CA THR D 60 16.17 -3.01 -16.79
C THR D 60 17.27 -4.05 -16.73
N ALA D 61 16.88 -5.32 -16.54
CA ALA D 61 17.82 -6.43 -16.51
C ALA D 61 17.73 -7.19 -17.83
N LYS D 62 18.88 -7.50 -18.42
CA LYS D 62 18.95 -8.22 -19.67
C LYS D 62 19.87 -9.42 -19.54
N PHE D 63 19.51 -10.50 -20.24
CA PHE D 63 20.37 -11.67 -20.33
C PHE D 63 21.11 -11.64 -21.65
N TYR D 64 22.43 -11.83 -21.60
CA TYR D 64 23.27 -11.83 -22.78
C TYR D 64 24.00 -13.16 -22.89
N TRP D 65 24.24 -13.60 -24.12
CA TRP D 65 25.03 -14.79 -24.36
C TRP D 65 26.06 -14.51 -25.45
N SER D 66 27.07 -15.38 -25.54
CA SER D 66 28.07 -15.26 -26.59
C SER D 66 28.61 -16.64 -26.92
N HIS D 67 29.57 -16.68 -27.83
CA HIS D 67 30.16 -17.93 -28.30
C HIS D 67 31.63 -17.68 -28.56
N SER D 68 32.34 -18.74 -28.96
CA SER D 68 33.79 -18.67 -29.03
C SER D 68 34.32 -18.02 -30.30
N PHE D 69 33.46 -17.56 -31.21
CA PHE D 69 33.95 -16.98 -32.45
C PHE D 69 33.72 -15.48 -32.53
N THR D 70 33.27 -14.84 -31.45
CA THR D 70 32.97 -13.43 -31.46
C THR D 70 33.21 -12.85 -30.07
N SER D 71 33.43 -11.54 -30.02
CA SER D 71 33.37 -10.83 -28.76
C SER D 71 31.99 -10.27 -28.48
N GLU D 72 31.08 -10.30 -29.45
CA GLU D 72 29.76 -9.72 -29.27
C GLU D 72 28.90 -10.50 -28.28
N TRP D 73 28.11 -9.76 -27.51
CA TRP D 73 27.09 -10.30 -26.64
C TRP D 73 25.73 -10.12 -27.29
N PHE D 74 24.90 -11.15 -27.21
CA PHE D 74 23.59 -11.14 -27.86
C PHE D 74 22.50 -11.21 -26.80
N GLU D 75 21.50 -10.33 -26.91
CA GLU D 75 20.46 -10.25 -25.90
C GLU D 75 19.38 -11.31 -26.16
N SER D 76 18.98 -12.03 -25.10
N SER D 76 18.93 -11.96 -25.08
CA SER D 76 17.83 -12.93 -25.19
CA SER D 76 17.88 -12.97 -25.15
C SER D 76 17.09 -12.87 -23.85
C SER D 76 17.07 -12.90 -23.85
N GLY D 77 16.36 -11.78 -23.65
CA GLY D 77 15.53 -11.65 -22.49
C GLY D 77 15.76 -10.35 -21.75
N SER D 78 14.69 -9.64 -21.43
CA SER D 78 14.80 -8.36 -20.75
C SER D 78 13.57 -8.17 -19.87
N ILE D 79 13.77 -7.66 -18.66
CA ILE D 79 12.66 -7.29 -17.78
C ILE D 79 12.90 -5.91 -17.21
N ASP D 80 11.82 -5.21 -16.90
CA ASP D 80 11.88 -3.96 -16.15
C ASP D 80 11.44 -4.22 -14.71
N VAL D 81 12.18 -3.66 -13.75
CA VAL D 81 11.92 -3.91 -12.34
C VAL D 81 11.76 -2.55 -11.66
N GLY D 82 10.54 -2.22 -11.26
CA GLY D 82 10.30 -0.95 -10.62
C GLY D 82 10.74 -0.94 -9.17
N LEU D 83 10.74 0.26 -8.58
CA LEU D 83 11.04 0.39 -7.17
C LEU D 83 10.08 -0.47 -6.34
N GLY D 84 10.64 -1.31 -5.48
CA GLY D 84 9.83 -2.17 -4.64
C GLY D 84 9.39 -3.45 -5.30
N GLU D 85 9.89 -3.75 -6.49
CA GLU D 85 9.52 -4.96 -7.22
C GLU D 85 10.60 -6.02 -7.12
N ASP D 86 10.17 -7.26 -7.27
CA ASP D 86 10.96 -8.49 -7.11
C ASP D 86 10.49 -9.37 -8.28
N LYS D 87 11.31 -9.47 -9.32
CA LYS D 87 10.92 -10.19 -10.53
C LYS D 87 12.03 -11.13 -10.96
N VAL D 88 11.64 -12.13 -11.75
CA VAL D 88 12.57 -13.12 -12.29
C VAL D 88 12.68 -12.93 -13.80
N LEU D 89 13.91 -12.77 -14.28
CA LEU D 89 14.24 -12.77 -15.70
C LEU D 89 14.45 -14.22 -16.11
N ASN D 90 13.51 -14.78 -16.87
CA ASN D 90 13.57 -16.17 -17.28
C ASN D 90 14.49 -16.29 -18.50
N VAL D 91 15.59 -17.03 -18.35
CA VAL D 91 16.56 -17.14 -19.43
C VAL D 91 16.25 -18.39 -20.25
N PRO D 92 16.67 -18.44 -21.50
CA PRO D 92 16.47 -19.65 -22.31
C PRO D 92 17.14 -20.84 -21.65
N SER D 93 16.59 -22.02 -21.91
CA SER D 93 17.11 -23.25 -21.33
C SER D 93 18.17 -23.89 -22.19
N ASN D 94 18.42 -23.36 -23.39
CA ASN D 94 19.44 -23.85 -24.28
C ASN D 94 20.80 -23.92 -23.59
N SER D 95 21.68 -24.80 -24.04
CA SER D 95 23.04 -24.82 -23.52
C SER D 95 23.83 -23.65 -24.10
N PHE D 96 24.55 -22.94 -23.24
CA PHE D 96 25.31 -21.77 -23.65
C PHE D 96 26.79 -21.96 -23.38
N TYR D 97 27.61 -21.31 -24.20
CA TYR D 97 29.05 -21.27 -23.98
C TYR D 97 29.44 -20.14 -23.04
N TYR D 98 28.83 -18.97 -23.21
CA TYR D 98 29.13 -17.80 -22.41
C TYR D 98 27.84 -17.05 -22.14
N SER D 99 27.72 -16.50 -20.94
CA SER D 99 26.54 -15.71 -20.59
C SER D 99 26.89 -14.69 -19.52
N LYS D 100 26.06 -13.65 -19.45
CA LYS D 100 26.11 -12.69 -18.35
C LYS D 100 24.79 -11.93 -18.33
N PHE D 101 24.55 -11.24 -17.23
CA PHE D 101 23.44 -10.32 -17.12
C PHE D 101 23.99 -8.90 -17.05
N VAL D 102 23.25 -7.96 -17.62
CA VAL D 102 23.56 -6.53 -17.49
C VAL D 102 22.30 -5.86 -16.97
N ILE D 103 22.47 -5.03 -15.94
CA ILE D 103 21.34 -4.32 -15.36
C ILE D 103 21.57 -2.84 -15.59
N TYR D 104 20.61 -2.19 -16.25
CA TYR D 104 20.71 -0.81 -16.68
C TYR D 104 19.88 0.09 -15.78
N ASN D 105 20.50 1.17 -15.32
CA ASN D 105 19.81 2.19 -14.53
C ASN D 105 19.77 3.44 -15.41
N ASN D 106 18.68 3.60 -16.17
CA ASN D 106 18.51 4.77 -17.04
C ASN D 106 17.85 5.93 -16.30
N THR D 107 18.29 6.21 -15.08
CA THR D 107 17.75 7.30 -14.27
C THR D 107 18.90 8.08 -13.66
N ASP D 108 18.57 9.21 -13.05
CA ASP D 108 19.56 10.05 -12.39
C ASP D 108 19.79 9.65 -10.93
N LYS D 109 19.14 8.59 -10.46
CA LYS D 109 19.20 8.15 -9.07
C LYS D 109 20.03 6.87 -8.96
N VAL D 110 20.67 6.68 -7.82
CA VAL D 110 21.35 5.40 -7.57
C VAL D 110 20.31 4.31 -7.42
N ALA D 111 20.64 3.11 -7.90
CA ALA D 111 19.78 1.94 -7.79
C ALA D 111 20.46 0.90 -6.90
N TYR D 112 19.82 0.58 -5.77
CA TYR D 112 20.31 -0.46 -4.87
C TYR D 112 19.54 -1.74 -5.19
N VAL D 113 20.23 -2.71 -5.80
CA VAL D 113 19.60 -3.87 -6.41
C VAL D 113 20.25 -5.12 -5.84
N THR D 114 19.44 -6.15 -5.61
CA THR D 114 19.96 -7.47 -5.35
C THR D 114 19.69 -8.35 -6.56
N ALA D 115 20.68 -9.17 -6.92
CA ALA D 115 20.57 -10.09 -8.03
C ALA D 115 20.98 -11.46 -7.56
N ASN D 116 20.14 -12.46 -7.78
CA ASN D 116 20.52 -13.82 -7.40
C ASN D 116 20.01 -14.82 -8.42
N LEU D 117 20.82 -15.85 -8.64
CA LEU D 117 20.50 -16.88 -9.61
C LEU D 117 19.47 -17.83 -9.00
N VAL D 118 18.51 -18.24 -9.83
CA VAL D 118 17.42 -19.08 -9.34
C VAL D 118 17.19 -20.24 -10.31
C1 PG6 E . -28.11 15.51 -21.94
O1 PG6 E . -28.72 14.25 -22.06
C2 PG6 E . -28.80 13.57 -20.84
C3 PG6 E . -29.86 12.46 -20.93
O2 PG6 E . -29.88 11.94 -22.23
C4 PG6 E . -30.39 10.63 -22.32
C5 PG6 E . -29.57 9.73 -21.39
O3 PG6 E . -29.71 8.37 -21.71
C6 PG6 E . -28.62 7.57 -21.32
C7 PG6 E . -28.11 7.97 -19.93
O4 PG6 E . -26.90 7.33 -19.59
C8 PG6 E . -26.14 8.01 -18.62
C9 PG6 E . -26.95 8.23 -17.33
O5 PG6 E . -26.34 9.21 -16.53
C10 PG6 E . -27.04 9.54 -15.36
C11 PG6 E . -28.46 9.97 -15.70
O6 PG6 E . -29.18 10.21 -14.52
C12 PG6 E . -29.57 9.05 -13.84
NA NA F . -28.72 10.49 -18.97
NA NA G . -10.37 3.21 -11.79
NA NA H . -22.44 -8.94 -28.58
C1 EDO I . -18.23 16.40 -7.25
O1 EDO I . -17.21 16.94 -8.09
C2 EDO I . -19.11 17.53 -6.72
O2 EDO I . -19.96 18.01 -7.76
C1 PEG J . 9.02 -9.77 10.60
O1 PEG J . 8.13 -10.76 10.12
C2 PEG J . 8.31 -8.76 11.45
O2 PEG J . 9.10 -7.58 11.55
C3 PEG J . 10.04 -7.63 12.61
C4 PEG J . 11.25 -6.81 12.26
O4 PEG J . 12.43 -7.33 12.85
C1 PEG K . 4.65 -11.57 4.77
O1 PEG K . 5.73 -12.28 4.18
C2 PEG K . 4.45 -11.94 6.20
O2 PEG K . 5.36 -11.24 7.02
C3 PEG K . 6.06 -12.07 7.96
C4 PEG K . 5.10 -12.95 8.69
O4 PEG K . 5.78 -13.90 9.49
O1 PG4 L . 12.35 -9.08 16.08
C1 PG4 L . 11.70 -9.30 17.32
C2 PG4 L . 10.21 -9.29 17.17
O2 PG4 L . 9.86 -9.96 15.96
C3 PG4 L . 8.46 -10.13 15.81
C4 PG4 L . 8.10 -11.40 15.12
O3 PG4 L . 9.03 -11.67 14.08
C5 PG4 L . 8.43 -12.66 13.25
C6 PG4 L . 9.37 -13.05 12.15
O4 PG4 L . 10.71 -12.96 12.58
C7 PG4 L . 11.50 -13.77 11.73
C8 PG4 L . 12.58 -12.96 11.09
O5 PG4 L . 13.33 -12.28 12.08
O1 PG4 M . 10.38 22.93 -6.56
C1 PG4 M . 9.74 22.97 -5.30
C2 PG4 M . 10.12 21.80 -4.44
O2 PG4 M . 9.10 21.56 -3.47
C3 PG4 M . 8.69 22.73 -2.77
C4 PG4 M . 7.32 22.52 -2.18
O3 PG4 M . 6.74 23.78 -1.86
C5 PG4 M . 5.35 23.69 -2.15
C6 PG4 M . 4.78 25.05 -2.37
O4 PG4 M . 5.24 25.57 -3.61
C7 PG4 M . 4.28 26.51 -4.07
C8 PG4 M . 4.83 27.28 -5.24
O5 PG4 M . 5.56 26.40 -6.09
NA NA N . 4.52 2.41 -7.14
NA NA O . 5.86 9.34 12.40
NA NA P . 4.13 18.59 -2.43
NA NA Q . -5.06 0.67 14.05
NA NA R . 0.83 21.99 -13.76
NA NA S . 11.22 -10.71 13.65
NA NA S . 11.33 -9.98 12.01
NA NA T . -9.18 1.25 -1.00
NA NA T . -10.15 3.95 -0.63
NA NA U . 7.37 24.36 -4.63
C1 EDO V . 6.06 -14.98 5.76
O1 EDO V . 5.70 -16.35 5.90
C2 EDO V . 7.53 -14.77 6.10
O2 EDO V . 7.98 -13.46 5.70
C1 EDO W . 0.65 23.17 -17.16
C1 EDO W . 0.81 24.24 -15.38
O1 EDO W . 1.56 23.87 -16.30
O1 EDO W . 1.62 25.00 -14.47
C2 EDO W . 1.06 21.71 -17.27
C2 EDO W . 1.70 23.72 -16.50
O2 EDO W . -0.01 20.95 -17.87
O2 EDO W . 1.00 22.69 -17.23
C1 EDO X . 3.21 19.62 -12.88
O1 EDO X . 3.51 21.02 -12.85
C2 EDO X . 2.02 19.33 -13.79
O2 EDO X . 2.47 18.95 -15.11
C1 EDO Y . 7.08 21.43 -10.99
O1 EDO Y . 5.89 21.71 -11.72
C2 EDO Y . 8.12 22.51 -11.29
O2 EDO Y . 8.10 22.79 -12.69
C1 EDO Z . -0.25 19.34 -11.01
O1 EDO Z . 0.27 20.62 -10.63
C2 EDO Z . -1.69 19.48 -11.52
O2 EDO Z . -1.71 20.02 -12.85
O1 PG4 AA . -14.74 -0.26 42.31
C1 PG4 AA . -13.70 0.38 43.04
C2 PG4 AA . -12.48 -0.50 43.15
O2 PG4 AA . -11.93 -0.72 41.86
C3 PG4 AA . -10.57 -1.12 41.88
C4 PG4 AA . -10.15 -1.53 40.49
O3 PG4 AA . -11.08 -2.49 40.02
C5 PG4 AA . -10.78 -2.81 38.67
C6 PG4 AA . -11.56 -4.03 38.30
O4 PG4 AA . -12.93 -3.86 38.67
C7 PG4 AA . -13.65 -4.98 38.16
C8 PG4 AA . -14.96 -5.08 38.88
O5 PG4 AA . -14.73 -5.29 40.26
NA NA BA . 4.75 16.46 18.67
NA NA CA . -9.03 10.02 13.62
NA NA DA . 1.73 1.21 35.50
NA NA EA . -13.78 -2.30 40.67
NA NA FA . 26.47 10.83 -13.59
NA NA GA . 22.24 11.94 -9.18
NA NA HA . 32.66 -14.73 -26.90
NA NA HA . 32.83 -13.30 -26.27
NA NA IA . 30.35 -8.64 -11.89
NA NA JA . 25.24 14.48 -10.52
#